data_8K3B
#
_entry.id   8K3B
#
_cell.length_a   78.138
_cell.length_b   81.624
_cell.length_c   137.888
_cell.angle_alpha   90.00
_cell.angle_beta   90.00
_cell.angle_gamma   90.00
#
_symmetry.space_group_name_H-M   'I 2 2 2'
#
loop_
_entity.id
_entity.type
_entity.pdbx_description
1 polymer 'MurR/RpiR family transcriptional regulator'
2 non-polymer '2-keto 3 deoxy 6 phospho gluconate'
3 water water
#
_entity_poly.entity_id   1
_entity_poly.type   'polypeptide(L)'
_entity_poly.pdbx_seq_one_letter_code
;MNLLQHIAQSRQQLRKSELKVADHVLNDPASVMHSSMAELAHGVGVSEPTIVRFCRAIGCSGFQDLKLKLAQSLAAGASF
GQFSIHESDSVADFSLKIFDTTLHSLMEVREHLDTHALERAIAAIAHAQRVEFYGFGASGAVASDAQHKFFRLLLSAAAY
SDPHMQAMSAVTLKPSDVAICISQSGRSKDLLITANLVREAGATLITLCPSQTPLADLATVNLAIDVHEDTDIYTPLTSR
IAHLVVIDVLAMGVAMARGPDLVNHLKSVKRSLRSLRLSPKVMKNQEERGEPS
;
_entity_poly.pdbx_strand_id   A
#
loop_
_chem_comp.id
_chem_comp.type
_chem_comp.name
_chem_comp.formula
ELE non-polymer '2-keto 3 deoxy 6 phospho gluconate' 'C6 H11 O9 P'
#
# COMPACT_ATOMS: atom_id res chain seq x y z
N MET A 1 18.25 -1.78 10.99
CA MET A 1 17.66 -2.41 9.78
C MET A 1 17.52 -3.92 10.00
N ASN A 2 16.31 -4.48 9.77
CA ASN A 2 16.03 -5.86 10.09
C ASN A 2 16.62 -6.71 8.96
N LEU A 3 17.40 -7.73 9.31
CA LEU A 3 18.19 -8.40 8.29
C LEU A 3 17.29 -9.16 7.33
N LEU A 4 16.20 -9.79 7.84
CA LEU A 4 15.27 -10.51 6.98
C LEU A 4 14.60 -9.57 5.98
N GLN A 5 14.18 -8.36 6.40
CA GLN A 5 13.61 -7.40 5.46
C GLN A 5 14.68 -7.01 4.43
N HIS A 6 15.91 -6.79 4.90
CA HIS A 6 16.99 -6.37 4.03
C HIS A 6 17.24 -7.43 2.97
N ILE A 7 17.20 -8.68 3.39
CA ILE A 7 17.45 -9.78 2.47
C ILE A 7 16.33 -9.83 1.43
N ALA A 8 15.08 -9.75 1.89
CA ALA A 8 13.92 -9.75 1.01
C ALA A 8 14.04 -8.61 0.00
N GLN A 9 14.34 -7.40 0.47
CA GLN A 9 14.51 -6.25 -0.42
C GLN A 9 15.63 -6.51 -1.43
N SER A 10 16.66 -7.24 -1.01
CA SER A 10 17.92 -7.29 -1.74
C SER A 10 17.86 -8.26 -2.92
N ARG A 11 16.85 -9.13 -2.97
CA ARG A 11 16.83 -10.30 -3.84
C ARG A 11 17.05 -9.97 -5.31
N GLN A 12 16.62 -8.79 -5.77
CA GLN A 12 16.71 -8.48 -7.18
C GLN A 12 18.14 -8.08 -7.55
N GLN A 13 19.02 -7.97 -6.55
CA GLN A 13 20.42 -7.61 -6.76
C GLN A 13 21.29 -8.86 -6.82
N LEU A 14 20.84 -9.98 -6.27
CA LEU A 14 21.71 -11.14 -6.06
C LEU A 14 21.94 -11.88 -7.39
N ARG A 15 22.95 -12.75 -7.41
CA ARG A 15 23.11 -13.69 -8.50
C ARG A 15 22.34 -14.95 -8.13
N LYS A 16 22.16 -15.83 -9.12
CA LYS A 16 21.21 -16.92 -9.02
C LYS A 16 21.54 -17.85 -7.86
N SER A 17 22.84 -18.04 -7.63
CA SER A 17 23.29 -18.95 -6.59
C SER A 17 23.01 -18.34 -5.23
N GLU A 18 23.22 -17.01 -5.15
CA GLU A 18 23.05 -16.26 -3.91
C GLU A 18 21.57 -16.14 -3.56
N LEU A 19 20.76 -15.87 -4.60
CA LEU A 19 19.31 -15.88 -4.48
C LEU A 19 18.81 -17.19 -3.88
N LYS A 20 19.34 -18.33 -4.32
CA LYS A 20 18.91 -19.59 -3.72
C LYS A 20 19.19 -19.57 -2.22
N VAL A 21 20.29 -18.94 -1.82
CA VAL A 21 20.61 -18.84 -0.39
C VAL A 21 19.59 -17.92 0.29
N ALA A 22 19.38 -16.75 -0.29
CA ALA A 22 18.45 -15.77 0.26
C ALA A 22 17.12 -16.45 0.57
N ASP A 23 16.57 -17.20 -0.39
CA ASP A 23 15.23 -17.75 -0.24
C ASP A 23 15.24 -18.85 0.83
N HIS A 24 16.34 -19.61 0.91
CA HIS A 24 16.42 -20.63 1.94
C HIS A 24 16.44 -19.93 3.30
N VAL A 25 17.12 -18.77 3.37
CA VAL A 25 17.29 -18.07 4.63
C VAL A 25 15.93 -17.50 5.08
N LEU A 26 15.27 -16.79 4.16
CA LEU A 26 13.93 -16.25 4.43
C LEU A 26 12.95 -17.33 4.86
N ASN A 27 13.01 -18.50 4.23
CA ASN A 27 12.05 -19.55 4.50
C ASN A 27 12.22 -20.09 5.91
N ASP A 28 13.46 -20.27 6.39
CA ASP A 28 13.66 -20.77 7.74
C ASP A 28 14.91 -20.17 8.35
N PRO A 29 14.84 -18.94 8.89
CA PRO A 29 15.99 -18.32 9.54
C PRO A 29 16.58 -19.05 10.75
N ALA A 30 15.72 -19.70 11.53
CA ALA A 30 16.13 -20.27 12.82
C ALA A 30 16.99 -21.53 12.64
N SER A 31 16.77 -22.26 11.54
CA SER A 31 17.64 -23.38 11.23
C SER A 31 19.05 -22.89 10.90
N VAL A 32 19.13 -21.90 9.99
CA VAL A 32 20.39 -21.28 9.59
C VAL A 32 21.22 -20.89 10.82
N MET A 33 20.55 -20.40 11.86
CA MET A 33 21.24 -19.91 13.05
C MET A 33 21.95 -21.01 13.83
N HIS A 34 21.53 -22.27 13.65
CA HIS A 34 22.14 -23.40 14.33
C HIS A 34 22.82 -24.31 13.31
N SER A 35 23.23 -23.71 12.19
CA SER A 35 23.78 -24.41 11.06
C SER A 35 25.26 -24.02 10.90
N SER A 36 26.11 -25.01 10.60
CA SER A 36 27.44 -24.77 10.08
C SER A 36 27.33 -24.34 8.62
N MET A 37 28.40 -23.72 8.14
CA MET A 37 28.46 -23.22 6.78
C MET A 37 28.30 -24.39 5.79
N ALA A 38 28.82 -25.56 6.19
CA ALA A 38 28.82 -26.71 5.30
C ALA A 38 27.40 -27.25 5.18
N GLU A 39 26.75 -27.46 6.33
CA GLU A 39 25.35 -27.86 6.40
C GLU A 39 24.48 -26.91 5.55
N LEU A 40 24.60 -25.60 5.77
CA LEU A 40 23.79 -24.67 5.00
C LEU A 40 24.05 -24.85 3.51
N ALA A 41 25.33 -24.92 3.11
CA ALA A 41 25.67 -25.07 1.71
C ALA A 41 25.03 -26.35 1.13
N HIS A 42 25.04 -27.43 1.94
CA HIS A 42 24.45 -28.69 1.53
C HIS A 42 22.95 -28.46 1.29
N GLY A 43 22.27 -28.05 2.37
CA GLY A 43 20.89 -27.62 2.39
C GLY A 43 20.48 -26.90 1.10
N VAL A 44 21.07 -25.73 0.83
CA VAL A 44 20.64 -24.89 -0.27
C VAL A 44 20.98 -25.53 -1.62
N GLY A 45 22.00 -26.39 -1.65
CA GLY A 45 22.54 -26.94 -2.89
C GLY A 45 23.52 -25.99 -3.58
N VAL A 46 24.46 -25.43 -2.79
CA VAL A 46 25.49 -24.55 -3.33
C VAL A 46 26.81 -24.83 -2.60
N SER A 47 27.88 -24.21 -3.11
CA SER A 47 29.21 -24.25 -2.49
C SER A 47 29.29 -23.35 -1.26
N GLU A 48 30.22 -23.69 -0.34
CA GLU A 48 30.48 -22.83 0.81
C GLU A 48 30.89 -21.43 0.35
N PRO A 49 31.81 -21.22 -0.62
CA PRO A 49 32.07 -19.87 -1.10
C PRO A 49 30.81 -19.09 -1.50
N THR A 50 29.79 -19.79 -2.02
CA THR A 50 28.55 -19.11 -2.40
C THR A 50 27.88 -18.53 -1.15
N ILE A 51 27.82 -19.34 -0.09
CA ILE A 51 27.31 -18.84 1.17
C ILE A 51 28.01 -17.54 1.52
N VAL A 52 29.34 -17.50 1.39
CA VAL A 52 30.09 -16.37 1.94
C VAL A 52 29.86 -15.16 1.06
N ARG A 53 29.79 -15.38 -0.25
CA ARG A 53 29.51 -14.30 -1.18
C ARG A 53 28.11 -13.72 -0.91
N PHE A 54 27.15 -14.59 -0.61
CA PHE A 54 25.80 -14.15 -0.26
C PHE A 54 25.89 -13.18 0.92
N CYS A 55 26.53 -13.65 2.02
CA CYS A 55 26.74 -12.86 3.23
C CYS A 55 27.31 -11.48 2.92
N ARG A 56 28.24 -11.40 1.97
CA ARG A 56 28.95 -10.16 1.69
C ARG A 56 28.06 -9.26 0.84
N ALA A 57 27.34 -9.88 -0.10
CA ALA A 57 26.39 -9.14 -0.93
C ALA A 57 25.26 -8.53 -0.08
N ILE A 58 24.93 -9.17 1.03
CA ILE A 58 23.90 -8.74 1.96
C ILE A 58 24.46 -7.65 2.89
N GLY A 59 25.77 -7.41 2.78
CA GLY A 59 26.48 -6.44 3.60
C GLY A 59 26.95 -6.99 4.94
N CYS A 60 26.86 -8.30 5.18
CA CYS A 60 27.49 -8.87 6.37
C CYS A 60 29.01 -9.06 6.11
N SER A 61 29.79 -9.25 7.18
CA SER A 61 31.24 -9.41 7.06
C SER A 61 31.62 -10.85 6.68
N GLY A 62 30.70 -11.77 6.88
CA GLY A 62 30.94 -13.19 6.65
C GLY A 62 29.91 -14.04 7.40
N PHE A 63 30.09 -15.34 7.42
CA PHE A 63 29.05 -16.24 7.89
C PHE A 63 28.69 -16.03 9.35
N GLN A 64 29.66 -15.71 10.20
CA GLN A 64 29.34 -15.58 11.62
C GLN A 64 28.50 -14.32 11.85
N ASP A 65 28.80 -13.27 11.09
CA ASP A 65 28.07 -12.02 11.16
C ASP A 65 26.60 -12.26 10.73
N LEU A 66 26.42 -13.05 9.65
CA LEU A 66 25.10 -13.42 9.19
C LEU A 66 24.27 -13.99 10.33
N LYS A 67 24.79 -15.01 11.01
CA LYS A 67 24.04 -15.64 12.08
C LYS A 67 23.72 -14.66 13.19
N LEU A 68 24.68 -13.79 13.55
CA LEU A 68 24.49 -12.89 14.68
C LEU A 68 23.30 -11.97 14.43
N LYS A 69 23.34 -11.34 13.26
CA LYS A 69 22.32 -10.42 12.80
C LYS A 69 21.00 -11.16 12.60
N LEU A 70 21.00 -12.38 12.04
CA LEU A 70 19.78 -13.19 11.99
C LEU A 70 19.16 -13.30 13.37
N ALA A 71 19.99 -13.55 14.38
CA ALA A 71 19.46 -13.78 15.71
C ALA A 71 18.79 -12.51 16.21
N GLN A 72 19.21 -11.34 15.70
CA GLN A 72 18.63 -10.10 16.18
C GLN A 72 17.37 -9.73 15.38
N SER A 73 16.98 -10.54 14.39
CA SER A 73 15.99 -10.07 13.44
C SER A 73 14.73 -10.94 13.47
N LEU A 74 14.62 -11.83 14.46
CA LEU A 74 13.56 -12.85 14.51
C LEU A 74 12.37 -12.43 15.39
N ALA A 75 12.12 -11.15 15.62
CA ALA A 75 10.95 -10.81 16.40
C ALA A 75 9.66 -11.16 15.62
N ALA A 76 8.66 -11.73 16.31
CA ALA A 76 7.38 -12.06 15.68
C ALA A 76 6.77 -10.86 14.97
N GLY A 77 6.91 -9.68 15.56
CA GLY A 77 6.29 -8.48 15.02
C GLY A 77 7.04 -7.92 13.83
N ALA A 78 8.27 -8.40 13.62
CA ALA A 78 9.04 -8.03 12.46
C ALA A 78 8.40 -8.59 11.20
N SER A 79 7.71 -9.74 11.31
CA SER A 79 6.95 -10.30 10.20
C SER A 79 5.59 -9.60 10.03
N PHE A 80 4.99 -9.22 11.15
CA PHE A 80 3.72 -8.52 11.11
C PHE A 80 3.80 -7.23 10.28
N GLY A 81 4.79 -6.35 10.57
CA GLY A 81 4.92 -5.06 9.90
C GLY A 81 6.32 -4.74 9.42
N GLN A 82 6.43 -4.06 8.26
CA GLN A 82 7.70 -3.63 7.69
C GLN A 82 8.28 -2.47 8.47
N PHE A 83 8.69 -2.77 9.70
CA PHE A 83 9.34 -1.82 10.58
C PHE A 83 10.54 -2.56 11.15
N SER A 84 11.60 -1.83 11.46
CA SER A 84 12.83 -2.48 11.89
C SER A 84 12.74 -2.82 13.37
N ILE A 85 11.96 -3.87 13.64
CA ILE A 85 11.68 -4.37 14.98
C ILE A 85 12.79 -5.36 15.31
N HIS A 86 13.23 -5.30 16.57
CA HIS A 86 14.32 -6.12 17.07
C HIS A 86 13.74 -6.96 18.22
N GLU A 87 14.31 -8.15 18.40
CA GLU A 87 13.81 -9.19 19.29
C GLU A 87 13.23 -8.62 20.59
N SER A 88 13.75 -7.49 21.07
CA SER A 88 13.58 -7.09 22.46
C SER A 88 12.99 -5.68 22.57
N ASP A 89 12.34 -5.20 21.50
CA ASP A 89 11.82 -3.83 21.50
C ASP A 89 10.70 -3.69 22.53
N SER A 90 10.58 -2.46 23.06
CA SER A 90 9.59 -2.05 24.04
C SER A 90 8.58 -1.11 23.36
N VAL A 91 7.41 -0.90 23.94
CA VAL A 91 6.46 0.03 23.34
C VAL A 91 7.23 1.32 23.01
N ALA A 92 8.16 1.70 23.91
CA ALA A 92 9.02 2.85 23.73
C ALA A 92 9.64 2.88 22.34
N ASP A 93 10.23 1.74 21.98
CA ASP A 93 10.93 1.52 20.74
C ASP A 93 10.00 1.39 19.51
N PHE A 94 9.00 0.50 19.54
CA PHE A 94 8.24 0.20 18.32
C PHE A 94 7.21 1.30 18.05
N SER A 95 6.76 2.01 19.10
CA SER A 95 5.79 3.09 18.91
C SER A 95 6.44 4.18 18.07
N LEU A 96 7.68 4.56 18.42
CA LEU A 96 8.34 5.66 17.75
C LEU A 96 8.80 5.24 16.37
N LYS A 97 9.21 3.98 16.22
CA LYS A 97 9.63 3.44 14.94
C LYS A 97 8.44 3.45 13.97
N ILE A 98 7.24 3.11 14.48
CA ILE A 98 6.07 3.04 13.62
C ILE A 98 5.69 4.45 13.16
N PHE A 99 5.68 5.42 14.06
CA PHE A 99 5.37 6.80 13.70
C PHE A 99 6.43 7.37 12.73
N ASP A 100 7.70 7.09 13.03
CA ASP A 100 8.79 7.60 12.22
C ASP A 100 8.75 7.02 10.82
N THR A 101 8.52 5.71 10.73
CA THR A 101 8.38 5.09 9.43
C THR A 101 7.24 5.74 8.64
N THR A 102 6.11 6.00 9.32
CA THR A 102 4.97 6.59 8.66
C THR A 102 5.30 8.00 8.15
N LEU A 103 5.96 8.80 9.00
CA LEU A 103 6.36 10.16 8.65
C LEU A 103 7.28 10.13 7.42
N HIS A 104 8.29 9.25 7.44
CA HIS A 104 9.26 9.12 6.37
C HIS A 104 8.57 8.71 5.06
N SER A 105 7.66 7.73 5.10
CA SER A 105 6.92 7.35 3.91
C SER A 105 6.02 8.47 3.37
N LEU A 106 5.30 9.18 4.23
CA LEU A 106 4.46 10.25 3.71
C LEU A 106 5.28 11.39 3.10
N MET A 107 6.48 11.61 3.63
CA MET A 107 7.34 12.66 3.10
C MET A 107 7.82 12.28 1.69
N GLU A 108 8.16 11.01 1.55
CA GLU A 108 8.59 10.45 0.28
C GLU A 108 7.45 10.50 -0.74
N VAL A 109 6.22 10.21 -0.30
CA VAL A 109 5.10 10.25 -1.23
C VAL A 109 4.84 11.70 -1.63
N ARG A 110 4.93 12.62 -0.66
CA ARG A 110 4.69 14.04 -0.88
C ARG A 110 5.66 14.60 -1.94
N GLU A 111 6.91 14.18 -1.83
CA GLU A 111 8.02 14.59 -2.69
C GLU A 111 7.81 14.11 -4.14
N HIS A 112 7.23 12.90 -4.28
CA HIS A 112 7.07 12.25 -5.57
C HIS A 112 5.69 12.47 -6.19
N LEU A 113 4.88 13.36 -5.66
CA LEU A 113 3.54 13.46 -6.19
C LEU A 113 3.57 13.80 -7.68
N ASP A 114 2.64 13.23 -8.42
CA ASP A 114 2.40 13.65 -9.78
C ASP A 114 1.27 14.66 -9.72
N THR A 115 1.66 15.93 -9.63
CA THR A 115 0.70 16.98 -9.41
C THR A 115 -0.30 17.03 -10.55
N HIS A 116 0.16 16.78 -11.78
CA HIS A 116 -0.74 16.89 -12.92
C HIS A 116 -1.78 15.76 -12.87
N ALA A 117 -1.33 14.53 -12.54
CA ALA A 117 -2.21 13.38 -12.38
C ALA A 117 -3.28 13.67 -11.33
N LEU A 118 -2.88 14.31 -10.22
CA LEU A 118 -3.83 14.77 -9.23
C LEU A 118 -4.85 15.73 -9.82
N GLU A 119 -4.42 16.68 -10.68
CA GLU A 119 -5.32 17.74 -11.18
C GLU A 119 -6.38 17.13 -12.09
N ARG A 120 -5.99 16.10 -12.83
CA ARG A 120 -6.84 15.46 -13.81
C ARG A 120 -7.88 14.59 -13.09
N ALA A 121 -7.45 13.89 -12.03
CA ALA A 121 -8.34 13.10 -11.19
C ALA A 121 -9.39 14.00 -10.52
N ILE A 122 -8.93 15.12 -9.95
CA ILE A 122 -9.82 16.04 -9.27
C ILE A 122 -10.85 16.58 -10.25
N ALA A 123 -10.45 16.82 -11.51
CA ALA A 123 -11.39 17.47 -12.43
C ALA A 123 -12.36 16.42 -12.98
N ALA A 124 -11.91 15.16 -13.09
CA ALA A 124 -12.81 14.08 -13.49
C ALA A 124 -13.93 13.90 -12.45
N ILE A 125 -13.54 13.79 -11.18
CA ILE A 125 -14.49 13.56 -10.11
C ILE A 125 -15.41 14.78 -10.03
N ALA A 126 -14.87 15.95 -10.34
CA ALA A 126 -15.59 17.17 -10.05
C ALA A 126 -16.73 17.34 -11.06
N HIS A 127 -16.63 16.67 -12.20
CA HIS A 127 -17.64 16.70 -13.26
C HIS A 127 -18.52 15.44 -13.22
N ALA A 128 -18.26 14.50 -12.31
CA ALA A 128 -19.00 13.24 -12.28
C ALA A 128 -20.28 13.35 -11.47
N GLN A 129 -21.25 12.48 -11.79
CA GLN A 129 -22.46 12.33 -11.00
C GLN A 129 -22.25 11.23 -9.96
N ARG A 130 -21.44 10.22 -10.31
CA ARG A 130 -21.14 9.11 -9.42
C ARG A 130 -19.64 8.95 -9.28
N VAL A 131 -19.17 8.72 -8.05
CA VAL A 131 -17.80 8.27 -7.85
C VAL A 131 -17.86 6.98 -7.03
N GLU A 132 -17.12 5.97 -7.48
CA GLU A 132 -17.12 4.68 -6.81
C GLU A 132 -15.69 4.34 -6.44
N PHE A 133 -15.53 3.58 -5.34
CA PHE A 133 -14.23 3.23 -4.81
C PHE A 133 -14.21 1.71 -4.72
N TYR A 134 -13.19 1.08 -5.32
CA TYR A 134 -13.12 -0.37 -5.38
C TYR A 134 -11.80 -0.88 -4.78
N GLY A 135 -11.88 -1.88 -3.90
CA GLY A 135 -10.65 -2.45 -3.39
C GLY A 135 -10.98 -3.64 -2.52
N PHE A 136 -9.95 -4.37 -2.07
CA PHE A 136 -10.08 -5.55 -1.24
C PHE A 136 -9.10 -5.43 -0.07
N GLY A 137 -9.36 -6.21 0.99
CA GLY A 137 -8.57 -6.19 2.20
C GLY A 137 -8.39 -4.76 2.71
N ALA A 138 -7.13 -4.36 2.93
CA ALA A 138 -6.80 -3.02 3.37
C ALA A 138 -7.37 -1.97 2.43
N SER A 139 -7.41 -2.28 1.12
CA SER A 139 -7.82 -1.32 0.11
C SER A 139 -9.35 -1.17 0.07
N GLY A 140 -10.04 -2.19 0.56
CA GLY A 140 -11.48 -2.13 0.79
C GLY A 140 -11.88 -1.17 1.91
N ALA A 141 -11.18 -1.29 3.03
CA ALA A 141 -11.29 -0.34 4.13
C ALA A 141 -11.00 1.09 3.65
N VAL A 142 -9.98 1.31 2.81
CA VAL A 142 -9.68 2.64 2.29
C VAL A 142 -10.86 3.11 1.44
N ALA A 143 -11.41 2.21 0.63
CA ALA A 143 -12.53 2.53 -0.24
C ALA A 143 -13.71 3.05 0.59
N SER A 144 -14.05 2.34 1.66
CA SER A 144 -15.19 2.74 2.47
C SER A 144 -14.90 4.00 3.26
N ASP A 145 -13.67 4.10 3.77
CA ASP A 145 -13.20 5.35 4.34
C ASP A 145 -13.40 6.52 3.37
N ALA A 146 -13.00 6.34 2.11
CA ALA A 146 -13.12 7.43 1.13
C ALA A 146 -14.60 7.74 0.88
N GLN A 147 -15.49 6.74 0.86
CA GLN A 147 -16.91 6.99 0.62
C GLN A 147 -17.47 7.91 1.72
N HIS A 148 -17.01 7.71 2.95
CA HIS A 148 -17.42 8.51 4.09
C HIS A 148 -16.96 9.97 3.94
N LYS A 149 -15.84 10.23 3.27
CA LYS A 149 -15.35 11.59 3.05
C LYS A 149 -16.11 12.21 1.89
N PHE A 150 -16.37 11.44 0.81
CA PHE A 150 -16.85 11.99 -0.45
C PHE A 150 -18.37 12.16 -0.54
N PHE A 151 -19.21 11.48 0.28
CA PHE A 151 -20.66 11.48 0.04
C PHE A 151 -21.23 12.89 0.20
N ARG A 152 -20.53 13.74 0.96
CA ARG A 152 -20.98 15.09 1.26
C ARG A 152 -20.63 16.10 0.16
N LEU A 153 -19.97 15.68 -0.91
CA LEU A 153 -19.53 16.66 -1.91
C LEU A 153 -20.45 16.73 -3.14
N LEU A 154 -21.75 16.53 -2.93
CA LEU A 154 -22.76 16.79 -3.96
C LEU A 154 -22.54 15.85 -5.16
N LEU A 155 -22.25 14.58 -4.88
CA LEU A 155 -22.38 13.53 -5.86
C LEU A 155 -22.73 12.22 -5.16
N SER A 156 -23.03 11.18 -5.92
CA SER A 156 -23.30 9.86 -5.37
C SER A 156 -21.98 9.10 -5.19
N ALA A 157 -21.65 8.76 -3.94
CA ALA A 157 -20.42 8.05 -3.64
C ALA A 157 -20.77 6.66 -3.10
N ALA A 158 -20.07 5.64 -3.63
CA ALA A 158 -20.30 4.28 -3.21
C ALA A 158 -18.98 3.53 -3.21
N ALA A 159 -18.84 2.57 -2.28
CA ALA A 159 -17.62 1.77 -2.15
C ALA A 159 -18.02 0.28 -2.11
N TYR A 160 -17.31 -0.58 -2.85
CA TYR A 160 -17.60 -2.01 -2.83
C TYR A 160 -16.31 -2.79 -2.76
N SER A 161 -16.29 -3.83 -1.93
CA SER A 161 -15.21 -4.81 -1.81
C SER A 161 -15.69 -6.21 -2.20
N ASP A 162 -16.95 -6.32 -2.62
CA ASP A 162 -17.47 -7.54 -3.18
C ASP A 162 -17.28 -7.39 -4.70
N PRO A 163 -16.50 -8.27 -5.34
CA PRO A 163 -16.17 -8.07 -6.76
C PRO A 163 -17.36 -8.20 -7.70
N HIS A 164 -18.40 -8.93 -7.27
CA HIS A 164 -19.61 -9.10 -8.06
C HIS A 164 -20.40 -7.81 -8.06
N MET A 165 -20.47 -7.15 -6.88
CA MET A 165 -21.08 -5.83 -6.83
C MET A 165 -20.27 -4.81 -7.63
N GLN A 166 -18.94 -4.88 -7.57
CA GLN A 166 -18.09 -3.96 -8.33
C GLN A 166 -18.38 -4.06 -9.84
N ALA A 167 -18.46 -5.29 -10.35
CA ALA A 167 -18.69 -5.53 -11.76
C ALA A 167 -20.05 -4.98 -12.19
N MET A 168 -21.08 -5.37 -11.43
CA MET A 168 -22.43 -5.02 -11.80
C MET A 168 -22.61 -3.51 -11.68
N SER A 169 -21.97 -2.92 -10.67
CA SER A 169 -22.12 -1.48 -10.51
C SER A 169 -21.37 -0.75 -11.62
N ALA A 170 -20.15 -1.20 -11.87
CA ALA A 170 -19.25 -0.57 -12.84
C ALA A 170 -19.92 -0.40 -14.21
N VAL A 171 -20.53 -1.48 -14.71
CA VAL A 171 -21.09 -1.48 -16.05
C VAL A 171 -22.28 -0.53 -16.17
N THR A 172 -22.86 -0.05 -15.07
CA THR A 172 -23.92 0.97 -15.08
C THR A 172 -23.38 2.41 -15.04
N LEU A 173 -22.04 2.60 -14.96
CA LEU A 173 -21.47 3.94 -14.91
C LEU A 173 -21.59 4.63 -16.28
N LYS A 174 -21.94 5.92 -16.29
CA LYS A 174 -21.87 6.72 -17.50
C LYS A 174 -20.41 7.08 -17.79
N PRO A 175 -20.02 7.34 -19.06
CA PRO A 175 -18.64 7.76 -19.36
C PRO A 175 -18.28 9.03 -18.58
N SER A 176 -19.30 9.83 -18.30
CA SER A 176 -19.19 10.99 -17.44
C SER A 176 -18.70 10.70 -16.01
N ASP A 177 -18.69 9.44 -15.55
CA ASP A 177 -18.54 9.09 -14.14
C ASP A 177 -17.13 8.57 -13.84
N VAL A 178 -16.83 8.38 -12.55
CA VAL A 178 -15.50 7.99 -12.09
C VAL A 178 -15.52 6.77 -11.16
N ALA A 179 -14.56 5.89 -11.37
CA ALA A 179 -14.21 4.81 -10.46
C ALA A 179 -12.76 4.93 -10.04
N ILE A 180 -12.49 4.74 -8.73
CA ILE A 180 -11.11 4.68 -8.23
C ILE A 180 -10.82 3.26 -7.77
N CYS A 181 -9.82 2.60 -8.37
CA CYS A 181 -9.40 1.27 -7.95
C CYS A 181 -8.17 1.43 -7.05
N ILE A 182 -8.19 0.82 -5.85
CA ILE A 182 -7.19 1.07 -4.83
C ILE A 182 -6.49 -0.25 -4.57
N SER A 183 -5.16 -0.22 -4.62
CA SER A 183 -4.38 -1.44 -4.59
C SER A 183 -2.94 -1.08 -4.26
N GLN A 184 -2.38 -1.69 -3.22
CA GLN A 184 -0.98 -1.43 -2.92
C GLN A 184 -0.13 -2.24 -3.92
N SER A 185 -0.61 -3.43 -4.28
CA SER A 185 0.10 -4.32 -5.18
C SER A 185 -0.12 -3.96 -6.64
N GLY A 186 -1.33 -3.54 -7.01
CA GLY A 186 -1.67 -3.29 -8.40
C GLY A 186 -1.95 -4.58 -9.19
N ARG A 187 -2.07 -5.71 -8.46
CA ARG A 187 -2.05 -7.05 -9.01
C ARG A 187 -3.26 -7.92 -8.60
N SER A 188 -4.28 -7.33 -7.96
CA SER A 188 -5.46 -8.09 -7.55
C SER A 188 -6.29 -8.42 -8.78
N LYS A 189 -6.48 -9.73 -9.02
CA LYS A 189 -7.14 -10.19 -10.25
C LYS A 189 -8.56 -9.62 -10.43
N ASP A 190 -9.40 -9.72 -9.38
CA ASP A 190 -10.77 -9.23 -9.52
C ASP A 190 -10.77 -7.74 -9.82
N LEU A 191 -9.80 -7.00 -9.25
CA LEU A 191 -9.78 -5.57 -9.43
C LEU A 191 -9.43 -5.21 -10.88
N LEU A 192 -8.64 -6.04 -11.56
CA LEU A 192 -8.32 -5.82 -12.97
C LEU A 192 -9.55 -6.08 -13.85
N ILE A 193 -10.32 -7.13 -13.53
CA ILE A 193 -11.64 -7.36 -14.13
C ILE A 193 -12.52 -6.14 -13.96
N THR A 194 -12.69 -5.68 -12.71
CA THR A 194 -13.46 -4.48 -12.45
C THR A 194 -12.95 -3.28 -13.24
N ALA A 195 -11.65 -3.01 -13.18
CA ALA A 195 -11.03 -1.91 -13.93
C ALA A 195 -11.31 -1.99 -15.44
N ASN A 196 -11.22 -3.18 -16.01
CA ASN A 196 -11.57 -3.37 -17.43
C ASN A 196 -13.02 -3.02 -17.71
N LEU A 197 -13.94 -3.39 -16.79
CA LEU A 197 -15.35 -3.05 -16.98
C LEU A 197 -15.57 -1.56 -16.93
N VAL A 198 -14.84 -0.83 -16.05
CA VAL A 198 -14.97 0.62 -15.97
C VAL A 198 -14.59 1.25 -17.31
N ARG A 199 -13.43 0.81 -17.83
CA ARG A 199 -12.89 1.22 -19.11
C ARG A 199 -13.94 0.99 -20.19
N GLU A 200 -14.43 -0.27 -20.25
CA GLU A 200 -15.42 -0.67 -21.25
C GLU A 200 -16.67 0.19 -21.17
N ALA A 201 -16.99 0.75 -20.01
CA ALA A 201 -18.17 1.60 -19.90
C ALA A 201 -17.87 3.03 -20.34
N GLY A 202 -16.60 3.31 -20.66
CA GLY A 202 -16.15 4.65 -21.06
C GLY A 202 -15.99 5.63 -19.90
N ALA A 203 -16.03 5.13 -18.66
CA ALA A 203 -15.91 5.99 -17.50
C ALA A 203 -14.43 6.18 -17.16
N THR A 204 -14.10 7.23 -16.40
CA THR A 204 -12.74 7.51 -15.99
C THR A 204 -12.29 6.57 -14.89
N LEU A 205 -11.23 5.80 -15.15
CA LEU A 205 -10.60 4.94 -14.16
C LEU A 205 -9.40 5.69 -13.58
N ILE A 206 -9.49 6.04 -12.29
CA ILE A 206 -8.36 6.51 -11.50
C ILE A 206 -7.77 5.31 -10.77
N THR A 207 -6.45 5.10 -10.87
CA THR A 207 -5.80 4.02 -10.14
C THR A 207 -4.98 4.67 -9.03
N LEU A 208 -5.24 4.23 -7.79
CA LEU A 208 -4.49 4.65 -6.62
C LEU A 208 -3.61 3.48 -6.23
N CYS A 209 -2.41 3.41 -6.83
CA CYS A 209 -1.56 2.24 -6.84
C CYS A 209 -0.19 2.62 -7.42
N PRO A 210 0.83 1.75 -7.27
CA PRO A 210 2.17 2.03 -7.76
C PRO A 210 2.19 2.07 -9.28
N SER A 211 3.12 2.83 -9.86
CA SER A 211 3.21 2.84 -11.32
C SER A 211 3.81 1.51 -11.79
N GLN A 212 3.63 1.24 -13.08
CA GLN A 212 4.14 0.04 -13.74
C GLN A 212 3.70 -1.22 -12.99
N THR A 213 2.41 -1.24 -12.64
CA THR A 213 1.73 -2.45 -12.22
C THR A 213 0.67 -2.76 -13.28
N PRO A 214 0.16 -4.01 -13.28
CA PRO A 214 -0.97 -4.37 -14.11
C PRO A 214 -2.15 -3.40 -14.00
N LEU A 215 -2.46 -2.89 -12.78
CA LEU A 215 -3.61 -2.03 -12.67
C LEU A 215 -3.26 -0.64 -13.22
N ALA A 216 -2.05 -0.16 -12.93
CA ALA A 216 -1.63 1.15 -13.43
C ALA A 216 -1.75 1.23 -14.97
N ASP A 217 -1.44 0.13 -15.65
CA ASP A 217 -1.49 0.07 -17.11
C ASP A 217 -2.91 0.30 -17.64
N LEU A 218 -3.96 -0.04 -16.85
CA LEU A 218 -5.34 0.08 -17.31
C LEU A 218 -5.88 1.49 -17.11
N ALA A 219 -5.16 2.31 -16.34
CA ALA A 219 -5.73 3.52 -15.78
C ALA A 219 -5.99 4.56 -16.87
N THR A 220 -7.02 5.38 -16.68
CA THR A 220 -7.12 6.67 -17.35
C THR A 220 -6.23 7.72 -16.69
N VAL A 221 -6.24 7.75 -15.34
CA VAL A 221 -5.39 8.65 -14.57
C VAL A 221 -4.66 7.82 -13.54
N ASN A 222 -3.35 7.65 -13.74
CA ASN A 222 -2.52 6.88 -12.84
C ASN A 222 -1.92 7.82 -11.81
N LEU A 223 -2.31 7.63 -10.55
CA LEU A 223 -1.87 8.49 -9.46
C LEU A 223 -0.45 8.10 -9.01
N ALA A 224 0.04 6.91 -9.33
CA ALA A 224 1.45 6.64 -9.16
C ALA A 224 1.88 6.85 -7.70
N ILE A 225 1.32 6.08 -6.78
CA ILE A 225 1.68 6.21 -5.37
C ILE A 225 2.57 5.04 -4.98
N ASP A 226 3.87 5.31 -4.86
CA ASP A 226 4.89 4.27 -4.88
C ASP A 226 5.41 4.08 -3.45
N VAL A 227 4.52 3.80 -2.51
CA VAL A 227 4.98 3.43 -1.18
C VAL A 227 5.71 2.10 -1.32
N HIS A 228 6.82 1.94 -0.60
CA HIS A 228 7.58 0.71 -0.71
C HIS A 228 7.20 -0.10 0.51
N GLU A 229 6.20 -0.96 0.34
CA GLU A 229 5.80 -1.90 1.38
C GLU A 229 5.44 -3.19 0.67
N ASP A 230 6.13 -4.27 1.04
CA ASP A 230 5.96 -5.53 0.34
C ASP A 230 4.86 -6.35 1.00
N THR A 231 3.66 -6.32 0.39
CA THR A 231 2.48 -6.90 1.01
C THR A 231 2.33 -8.36 0.63
N ASP A 232 3.34 -8.94 -0.05
CA ASP A 232 3.39 -10.38 -0.15
C ASP A 232 3.97 -10.90 1.15
N ILE A 233 4.63 -10.02 1.90
CA ILE A 233 5.23 -10.44 3.16
C ILE A 233 4.57 -9.77 4.34
N TYR A 234 4.45 -8.43 4.33
CA TYR A 234 4.03 -7.71 5.52
C TYR A 234 2.54 -7.37 5.48
N THR A 235 1.95 -7.13 6.66
CA THR A 235 0.60 -6.57 6.72
C THR A 235 0.61 -5.21 6.02
N PRO A 236 -0.35 -4.85 5.15
CA PRO A 236 -0.46 -3.48 4.65
C PRO A 236 -0.75 -2.54 5.82
N LEU A 237 0.07 -1.50 5.94
CA LEU A 237 -0.03 -0.57 7.04
C LEU A 237 0.31 0.83 6.54
N THR A 238 1.58 1.06 6.25
CA THR A 238 2.04 2.34 5.74
C THR A 238 1.38 2.69 4.42
N SER A 239 1.20 1.68 3.54
CA SER A 239 0.60 1.89 2.22
C SER A 239 -0.79 2.54 2.31
N ARG A 240 -1.65 2.05 3.22
CA ARG A 240 -3.03 2.53 3.34
C ARG A 240 -3.10 3.93 3.94
N ILE A 241 -2.15 4.34 4.80
CA ILE A 241 -2.06 5.70 5.30
C ILE A 241 -1.79 6.65 4.14
N ALA A 242 -0.79 6.33 3.33
CA ALA A 242 -0.48 7.12 2.14
C ALA A 242 -1.71 7.21 1.24
N HIS A 243 -2.43 6.09 1.05
CA HIS A 243 -3.60 6.09 0.20
C HIS A 243 -4.68 7.03 0.71
N LEU A 244 -4.92 7.01 2.03
CA LEU A 244 -5.95 7.85 2.63
C LEU A 244 -5.58 9.33 2.53
N VAL A 245 -4.31 9.70 2.72
CA VAL A 245 -3.90 11.09 2.60
C VAL A 245 -4.11 11.56 1.15
N VAL A 246 -3.80 10.70 0.17
CA VAL A 246 -4.07 10.98 -1.24
C VAL A 246 -5.56 11.16 -1.51
N ILE A 247 -6.40 10.27 -0.97
CA ILE A 247 -7.85 10.42 -0.98
C ILE A 247 -8.26 11.79 -0.46
N ASP A 248 -7.68 12.23 0.66
CA ASP A 248 -8.06 13.49 1.28
C ASP A 248 -7.73 14.68 0.37
N VAL A 249 -6.64 14.57 -0.40
CA VAL A 249 -6.25 15.62 -1.33
C VAL A 249 -7.25 15.69 -2.49
N LEU A 250 -7.75 14.53 -2.97
CA LEU A 250 -8.73 14.50 -4.05
C LEU A 250 -10.04 15.12 -3.58
N ALA A 251 -10.45 14.77 -2.35
CA ALA A 251 -11.66 15.31 -1.76
C ALA A 251 -11.58 16.83 -1.62
N MET A 252 -10.44 17.32 -1.10
CA MET A 252 -10.20 18.76 -0.98
C MET A 252 -10.33 19.43 -2.34
N GLY A 253 -9.68 18.85 -3.35
CA GLY A 253 -9.78 19.29 -4.73
C GLY A 253 -11.21 19.41 -5.24
N VAL A 254 -12.07 18.45 -4.85
CA VAL A 254 -13.44 18.48 -5.33
C VAL A 254 -14.19 19.56 -4.56
N ALA A 255 -13.89 19.68 -3.28
CA ALA A 255 -14.55 20.72 -2.52
C ALA A 255 -14.22 22.07 -3.16
N MET A 256 -12.92 22.26 -3.47
CA MET A 256 -12.42 23.46 -4.13
C MET A 256 -13.26 23.80 -5.35
N ALA A 257 -13.62 22.78 -6.14
CA ALA A 257 -14.35 22.94 -7.39
C ALA A 257 -15.84 23.29 -7.20
N ARG A 258 -16.33 23.33 -5.96
CA ARG A 258 -17.74 23.64 -5.72
C ARG A 258 -17.86 25.13 -5.39
N GLY A 259 -19.10 25.64 -5.40
CA GLY A 259 -19.35 27.06 -5.12
C GLY A 259 -19.23 27.41 -3.65
N PRO A 260 -19.67 28.63 -3.26
CA PRO A 260 -19.90 28.96 -1.85
C PRO A 260 -21.12 28.26 -1.23
N ASP A 261 -21.86 27.54 -2.06
CA ASP A 261 -23.05 26.83 -1.65
C ASP A 261 -22.64 25.70 -0.70
N LEU A 262 -21.47 25.11 -1.01
CA LEU A 262 -20.97 23.94 -0.32
C LEU A 262 -20.93 24.20 1.17
N VAL A 263 -20.57 25.44 1.54
CA VAL A 263 -20.41 25.81 2.93
C VAL A 263 -21.68 25.44 3.69
N ASN A 264 -22.84 25.79 3.12
CA ASN A 264 -24.11 25.59 3.79
C ASN A 264 -24.53 24.12 3.70
N HIS A 265 -24.19 23.46 2.58
CA HIS A 265 -24.37 22.03 2.46
C HIS A 265 -23.66 21.33 3.62
N LEU A 266 -22.36 21.62 3.77
CA LEU A 266 -21.56 20.94 4.78
C LEU A 266 -22.05 21.26 6.18
N LYS A 267 -22.60 22.47 6.36
CA LYS A 267 -23.15 22.90 7.64
C LYS A 267 -24.42 22.09 7.98
N SER A 268 -25.29 21.84 6.98
CA SER A 268 -26.45 20.96 7.18
C SER A 268 -26.01 19.56 7.61
N VAL A 269 -25.00 19.04 6.91
CA VAL A 269 -24.47 17.72 7.16
C VAL A 269 -24.01 17.67 8.61
N LYS A 270 -23.29 18.69 9.07
CA LYS A 270 -22.82 18.69 10.46
C LYS A 270 -23.95 18.89 11.45
N ARG A 271 -24.92 19.74 11.11
CA ARG A 271 -26.06 19.98 11.98
C ARG A 271 -26.84 18.69 12.25
N SER A 272 -26.88 17.79 11.25
CA SER A 272 -27.66 16.56 11.39
C SER A 272 -27.12 15.67 12.51
N LEU A 273 -25.92 15.94 12.99
CA LEU A 273 -25.34 15.13 14.07
C LEU A 273 -25.73 15.63 15.45
N ARG A 274 -26.46 16.76 15.52
CA ARG A 274 -26.63 17.49 16.77
C ARG A 274 -27.24 16.60 17.84
N SER A 275 -28.33 15.89 17.50
CA SER A 275 -28.99 15.00 18.44
C SER A 275 -28.22 13.70 18.70
N LEU A 276 -27.11 13.40 17.98
CA LEU A 276 -26.42 12.12 18.13
C LEU A 276 -25.13 12.24 18.94
N ARG A 277 -24.63 13.49 19.05
CA ARG A 277 -23.43 13.79 19.85
C ARG A 277 -23.76 14.83 20.93
N LEU A 278 -23.40 14.57 22.19
CA LEU A 278 -23.47 15.57 23.25
C LEU A 278 -22.82 16.86 22.78
N SER A 279 -23.30 18.00 23.32
CA SER A 279 -22.66 19.30 23.12
C SER A 279 -21.29 19.32 23.80
N PRO A 280 -20.35 20.15 23.30
CA PRO A 280 -19.05 20.31 23.95
C PRO A 280 -19.26 21.06 25.26
N LYS A 281 -18.30 20.94 26.19
CA LYS A 281 -18.03 22.00 27.15
C LYS A 281 -16.83 21.59 28.02
C4 ELE B . -4.62 -7.06 0.78
C5 ELE B . -5.60 -7.34 -0.34
C6 ELE B . -5.67 -6.21 -1.33
C3 ELE B . -4.66 -8.20 1.79
C1 ELE B . -3.32 -8.56 3.99
C2 ELE B . -3.32 -8.24 2.51
O11 ELE B . -4.32 -8.28 4.72
O12 ELE B . -2.33 -9.13 4.50
O1P ELE B . -4.33 -3.53 -2.14
O2P ELE B . -2.66 -4.97 -3.34
O3P ELE B . -5.05 -4.95 -4.14
O4 ELE B . -4.96 -5.81 1.39
O5 ELE B . -5.27 -8.55 -1.03
O6 ELE B . -4.40 -6.15 -2.03
P ELE B . -4.16 -4.82 -2.94
O2 ELE B . -2.28 -8.12 1.93
#